data_3R93
#
_entry.id   3R93
#
_cell.length_a   71.148
_cell.length_b   74.005
_cell.length_c   72.609
_cell.angle_alpha   90.000
_cell.angle_beta   90.000
_cell.angle_gamma   90.000
#
_symmetry.space_group_name_H-M   'P 21 21 2'
#
loop_
_entity.id
_entity.type
_entity.pdbx_description
1 polymer 'M-phase phosphoprotein 8'
2 polymer 'H3K9Me3 peptide'
3 non-polymer 'UNKNOWN ATOM OR ION'
4 water water
#
loop_
_entity_poly.entity_id
_entity_poly.type
_entity_poly.pdbx_seq_one_letter_code
_entity_poly.pdbx_strand_id
1 'polypeptide(L)' GEDVFEVEKILDMKTEGGKVLYKVRWKGYTSDDDTWEPEIHLEDCKEVLLEFRKKIAENKAK A,B,C,D
2 'polypeptide(L)' ARTKQTAR(M3L)STGGKA E,F,G,H
#
loop_
_chem_comp.id
_chem_comp.type
_chem_comp.name
_chem_comp.formula
UNX non-polymer 'UNKNOWN ATOM OR ION' ?
#
# COMPACT_ATOMS: atom_id res chain seq x y z
N ASP A 3 8.23 -4.29 -20.47
CA ASP A 3 8.69 -5.54 -21.15
C ASP A 3 9.23 -6.49 -20.09
N VAL A 4 9.26 -7.78 -20.40
CA VAL A 4 9.48 -8.86 -19.42
C VAL A 4 10.94 -9.33 -19.33
N PHE A 5 11.42 -9.69 -18.13
CA PHE A 5 12.81 -10.15 -17.90
C PHE A 5 12.89 -11.45 -17.08
N GLU A 6 14.04 -12.12 -17.17
CA GLU A 6 14.26 -13.36 -16.42
C GLU A 6 14.65 -13.08 -14.98
N VAL A 7 14.03 -13.81 -14.05
CA VAL A 7 14.27 -13.64 -12.61
C VAL A 7 15.21 -14.72 -12.11
N GLU A 8 16.34 -14.29 -11.54
CA GLU A 8 17.33 -15.20 -11.00
C GLU A 8 16.82 -15.78 -9.69
N LYS A 9 16.38 -14.91 -8.80
CA LYS A 9 15.77 -15.35 -7.56
C LYS A 9 15.00 -14.27 -6.87
N ILE A 10 14.24 -14.70 -5.85
CA ILE A 10 13.57 -13.79 -4.93
C ILE A 10 14.41 -13.66 -3.68
N LEU A 11 14.75 -12.41 -3.33
CA LEU A 11 15.68 -12.11 -2.26
C LEU A 11 15.03 -11.81 -0.90
N ASP A 12 13.81 -11.28 -0.91
CA ASP A 12 13.16 -10.78 0.32
C ASP A 12 11.70 -10.43 0.02
N MET A 13 10.95 -10.08 1.06
CA MET A 13 9.55 -9.70 0.88
C MET A 13 9.20 -8.64 1.90
N LYS A 14 8.18 -7.87 1.58
CA LYS A 14 7.68 -6.89 2.53
C LYS A 14 6.24 -6.54 2.22
N THR A 15 5.56 -5.92 3.18
CA THR A 15 4.27 -5.33 2.93
C THR A 15 4.37 -3.80 2.96
N GLU A 16 3.55 -3.16 2.13
CA GLU A 16 3.31 -1.73 2.20
C GLU A 16 1.90 -1.49 1.72
N GLY A 17 1.17 -0.66 2.46
CA GLY A 17 -0.15 -0.22 2.06
C GLY A 17 -1.15 -1.34 1.92
N GLY A 18 -0.96 -2.40 2.69
CA GLY A 18 -1.83 -3.56 2.64
C GLY A 18 -1.52 -4.54 1.52
N LYS A 19 -0.40 -4.37 0.82
CA LYS A 19 -0.01 -5.21 -0.32
C LYS A 19 1.37 -5.86 -0.11
N VAL A 20 1.56 -7.06 -0.66
CA VAL A 20 2.83 -7.79 -0.58
C VAL A 20 3.72 -7.49 -1.79
N LEU A 21 4.99 -7.20 -1.56
CA LEU A 21 5.98 -7.02 -2.63
C LEU A 21 7.17 -7.93 -2.37
N TYR A 22 7.81 -8.36 -3.45
CA TYR A 22 8.98 -9.21 -3.39
C TYR A 22 10.17 -8.54 -4.06
N LYS A 23 11.35 -8.76 -3.48
CA LYS A 23 12.58 -8.20 -4.01
C LYS A 23 13.20 -9.18 -4.96
N VAL A 24 13.49 -8.70 -6.16
CA VAL A 24 13.92 -9.55 -7.25
C VAL A 24 15.37 -9.27 -7.66
N ARG A 25 16.16 -10.34 -7.77
CA ARG A 25 17.48 -10.32 -8.40
C ARG A 25 17.21 -10.70 -9.86
N TRP A 26 17.54 -9.79 -10.78
CA TRP A 26 17.28 -10.02 -12.21
C TRP A 26 18.47 -10.76 -12.82
N LYS A 27 18.21 -11.86 -13.51
CA LYS A 27 19.30 -12.64 -14.06
C LYS A 27 20.17 -11.80 -15.01
N GLY A 28 21.46 -11.82 -14.72
CA GLY A 28 22.47 -11.17 -15.56
C GLY A 28 22.78 -9.78 -15.05
N TYR A 29 22.15 -9.38 -13.96
CA TYR A 29 22.38 -8.07 -13.36
C TYR A 29 22.89 -8.28 -11.94
N THR A 30 23.24 -7.18 -11.28
CA THR A 30 23.72 -7.25 -9.91
C THR A 30 22.70 -6.63 -8.96
N SER A 31 23.03 -6.62 -7.67
CA SER A 31 22.17 -6.04 -6.64
C SER A 31 21.80 -4.58 -6.86
N ASP A 32 22.65 -3.81 -7.54
CA ASP A 32 22.32 -2.42 -7.88
C ASP A 32 21.05 -2.32 -8.72
N ASP A 33 20.67 -3.41 -9.39
CA ASP A 33 19.47 -3.41 -10.26
C ASP A 33 18.23 -4.04 -9.60
N ASP A 34 18.36 -4.45 -8.35
CA ASP A 34 17.31 -5.19 -7.66
C ASP A 34 16.15 -4.25 -7.51
N THR A 35 14.95 -4.79 -7.74
CA THR A 35 13.71 -4.04 -7.62
C THR A 35 12.73 -4.77 -6.71
N TRP A 36 11.83 -3.98 -6.13
CA TRP A 36 10.67 -4.49 -5.45
C TRP A 36 9.55 -4.61 -6.47
N GLU A 37 8.87 -5.76 -6.44
CA GLU A 37 7.82 -6.03 -7.41
C GLU A 37 6.50 -6.45 -6.75
N PRO A 38 5.38 -5.91 -7.24
CA PRO A 38 4.11 -6.34 -6.71
C PRO A 38 3.88 -7.81 -7.02
N GLU A 39 3.40 -8.52 -6.00
CA GLU A 39 2.99 -9.92 -6.11
C GLU A 39 2.21 -10.24 -7.41
N ILE A 40 1.38 -9.31 -7.85
CA ILE A 40 0.64 -9.44 -9.11
C ILE A 40 1.55 -9.64 -10.34
N HIS A 41 2.69 -8.95 -10.38
CA HIS A 41 3.68 -9.09 -11.46
C HIS A 41 4.34 -10.48 -11.53
N LEU A 42 4.13 -11.32 -10.52
CA LEU A 42 4.99 -12.50 -10.33
C LEU A 42 4.28 -13.84 -10.58
N GLU A 43 3.20 -13.82 -11.38
CA GLU A 43 2.47 -15.05 -11.72
C GLU A 43 3.36 -16.14 -12.36
N ASP A 44 4.43 -15.72 -13.05
CA ASP A 44 5.35 -16.65 -13.73
C ASP A 44 6.63 -16.95 -12.94
N CYS A 45 6.63 -16.64 -11.65
CA CYS A 45 7.74 -16.90 -10.75
C CYS A 45 7.37 -17.91 -9.67
N LYS A 46 6.59 -18.91 -10.03
CA LYS A 46 6.11 -19.88 -9.06
C LYS A 46 7.29 -20.53 -8.34
N GLU A 47 8.21 -21.11 -9.10
CA GLU A 47 9.26 -21.92 -8.51
C GLU A 47 10.20 -21.07 -7.66
N VAL A 48 10.65 -19.93 -8.18
CA VAL A 48 11.53 -19.05 -7.36
C VAL A 48 10.82 -18.48 -6.11
N LEU A 49 9.51 -18.22 -6.20
CA LEU A 49 8.73 -17.78 -5.01
C LEU A 49 8.66 -18.88 -3.95
N LEU A 50 8.34 -20.09 -4.38
CA LEU A 50 8.33 -21.23 -3.48
C LEU A 50 9.70 -21.49 -2.81
N GLU A 51 10.78 -21.45 -3.59
CA GLU A 51 12.14 -21.59 -3.06
C GLU A 51 12.38 -20.57 -1.94
N PHE A 52 11.94 -19.35 -2.17
CA PHE A 52 12.08 -18.32 -1.17
C PHE A 52 11.27 -18.59 0.08
N ARG A 53 9.97 -18.81 -0.13
CA ARG A 53 9.08 -19.18 0.95
C ARG A 53 9.59 -20.35 1.77
N LYS A 54 10.07 -21.42 1.12
CA LYS A 54 10.60 -22.57 1.86
C LYS A 54 11.81 -22.18 2.73
N LYS A 55 12.73 -21.44 2.13
CA LYS A 55 13.90 -20.89 2.85
C LYS A 55 13.49 -20.13 4.13
N ILE A 56 12.55 -19.20 4.00
CA ILE A 56 12.05 -18.46 5.16
C ILE A 56 11.47 -19.42 6.21
N ALA A 57 10.61 -20.32 5.77
CA ALA A 57 10.09 -21.38 6.64
C ALA A 57 11.21 -22.19 7.31
N GLU A 58 12.22 -22.62 6.54
CA GLU A 58 13.37 -23.38 7.12
C GLU A 58 13.99 -22.66 8.34
N ASN A 59 14.25 -21.36 8.16
CA ASN A 59 14.93 -20.57 9.19
C ASN A 59 14.12 -20.30 10.47
N LYS A 60 12.78 -20.30 10.42
CA LYS A 60 11.99 -20.02 11.63
C LYS A 60 12.28 -21.05 12.72
N ASP B 3 -8.29 15.92 10.23
CA ASP B 3 -8.40 16.30 8.81
C ASP B 3 -9.38 15.33 8.12
N VAL B 4 -9.33 15.30 6.78
CA VAL B 4 -9.99 14.25 6.01
C VAL B 4 -9.04 13.08 5.93
N PHE B 5 -9.62 11.89 5.99
CA PHE B 5 -8.86 10.65 5.95
C PHE B 5 -9.42 9.75 4.88
N GLU B 6 -8.59 8.83 4.45
CA GLU B 6 -9.00 7.88 3.47
C GLU B 6 -9.86 6.77 4.08
N VAL B 7 -10.93 6.46 3.37
CA VAL B 7 -11.88 5.44 3.80
C VAL B 7 -11.58 4.14 3.07
N GLU B 8 -11.39 3.05 3.81
CA GLU B 8 -11.23 1.73 3.19
C GLU B 8 -12.56 1.13 2.71
N LYS B 9 -13.56 1.11 3.59
CA LYS B 9 -14.88 0.59 3.25
C LYS B 9 -15.92 1.11 4.23
N ILE B 10 -17.18 0.98 3.82
CA ILE B 10 -18.33 1.29 4.67
C ILE B 10 -18.81 -0.05 5.24
N LEU B 11 -18.97 -0.13 6.57
CA LEU B 11 -19.24 -1.38 7.26
C LEU B 11 -20.72 -1.67 7.54
N ASP B 12 -21.53 -0.65 7.69
CA ASP B 12 -22.87 -0.83 8.21
C ASP B 12 -23.49 0.54 8.23
N MET B 13 -24.81 0.56 8.40
CA MET B 13 -25.52 1.80 8.50
C MET B 13 -26.56 1.76 9.59
N LYS B 14 -26.98 2.94 10.01
CA LYS B 14 -28.06 3.05 10.97
C LYS B 14 -28.72 4.41 10.90
N THR B 15 -29.93 4.50 11.43
CA THR B 15 -30.49 5.77 11.72
C THR B 15 -30.43 6.10 13.22
N GLU B 16 -30.34 7.39 13.49
CA GLU B 16 -30.45 7.94 14.84
C GLU B 16 -31.02 9.31 14.74
N GLY B 17 -32.03 9.58 15.53
CA GLY B 17 -32.62 10.91 15.55
C GLY B 17 -33.06 11.40 14.19
N GLY B 18 -33.65 10.52 13.39
CA GLY B 18 -34.13 10.90 12.06
C GLY B 18 -33.04 11.18 11.01
N LYS B 19 -31.80 10.81 11.31
CA LYS B 19 -30.70 10.99 10.35
C LYS B 19 -29.96 9.66 10.10
N VAL B 20 -29.41 9.50 8.89
CA VAL B 20 -28.62 8.31 8.52
C VAL B 20 -27.13 8.51 8.86
N LEU B 21 -26.54 7.49 9.51
CA LEU B 21 -25.11 7.44 9.72
C LEU B 21 -24.52 6.16 9.12
N TYR B 22 -23.24 6.24 8.71
CA TYR B 22 -22.51 5.08 8.20
C TYR B 22 -21.29 4.79 9.05
N LYS B 23 -20.99 3.51 9.21
CA LYS B 23 -19.83 3.09 9.97
C LYS B 23 -18.64 2.95 9.04
N VAL B 24 -17.57 3.67 9.34
CA VAL B 24 -16.41 3.73 8.48
C VAL B 24 -15.23 2.97 9.07
N ARG B 25 -14.61 2.14 8.22
CA ARG B 25 -13.28 1.61 8.43
C ARG B 25 -12.27 2.55 7.74
N TRP B 26 -11.34 3.09 8.52
CA TRP B 26 -10.39 4.05 8.02
C TRP B 26 -9.16 3.32 7.49
N LYS B 27 -8.73 3.66 6.27
CA LYS B 27 -7.63 2.93 5.63
C LYS B 27 -6.34 3.21 6.38
N GLY B 28 -5.62 2.15 6.72
CA GLY B 28 -4.45 2.27 7.58
C GLY B 28 -4.77 2.14 9.05
N TYR B 29 -6.05 1.97 9.40
CA TYR B 29 -6.47 1.84 10.80
C TYR B 29 -7.20 0.53 11.01
N THR B 30 -7.44 0.20 12.27
CA THR B 30 -8.08 -1.04 12.66
C THR B 30 -9.49 -0.76 13.11
N SER B 31 -10.20 -1.84 13.39
CA SER B 31 -11.57 -1.79 13.88
C SER B 31 -11.74 -0.95 15.14
N ASP B 32 -10.71 -0.84 15.99
CA ASP B 32 -10.82 0.03 17.17
C ASP B 32 -11.02 1.52 16.85
N ASP B 33 -10.74 1.90 15.60
CA ASP B 33 -10.85 3.28 15.15
C ASP B 33 -12.12 3.53 14.33
N ASP B 34 -13.00 2.53 14.18
CA ASP B 34 -14.18 2.72 13.37
C ASP B 34 -15.04 3.81 14.01
N THR B 35 -15.61 4.67 13.15
CA THR B 35 -16.51 5.71 13.56
C THR B 35 -17.83 5.63 12.82
N TRP B 36 -18.87 6.17 13.45
CA TRP B 36 -20.10 6.51 12.80
C TRP B 36 -20.01 7.89 12.23
N GLU B 37 -20.36 8.02 10.97
CA GLU B 37 -20.26 9.31 10.31
C GLU B 37 -21.58 9.66 9.68
N PRO B 38 -21.97 10.96 9.78
CA PRO B 38 -23.17 11.40 9.15
C PRO B 38 -23.06 11.37 7.62
N GLU B 39 -24.18 11.04 7.00
CA GLU B 39 -24.26 10.88 5.53
C GLU B 39 -23.52 12.02 4.78
N ILE B 40 -23.67 13.26 5.29
CA ILE B 40 -23.13 14.50 4.69
C ILE B 40 -21.59 14.63 4.70
N HIS B 41 -20.92 13.83 5.51
CA HIS B 41 -19.46 13.75 5.53
C HIS B 41 -18.92 12.85 4.44
N LEU B 42 -19.80 12.15 3.72
CA LEU B 42 -19.38 11.07 2.81
C LEU B 42 -19.59 11.44 1.33
N GLU B 43 -19.60 12.74 1.05
CA GLU B 43 -19.79 13.25 -0.32
C GLU B 43 -18.69 12.77 -1.28
N ASP B 44 -17.51 12.49 -0.74
CA ASP B 44 -16.35 12.01 -1.50
C ASP B 44 -16.03 10.52 -1.24
N CYS B 45 -17.08 9.77 -0.86
CA CYS B 45 -17.03 8.33 -0.63
C CYS B 45 -18.07 7.63 -1.49
N LYS B 46 -18.28 8.16 -2.67
CA LYS B 46 -19.35 7.70 -3.53
C LYS B 46 -19.18 6.21 -3.88
N GLU B 47 -17.98 5.78 -4.24
CA GLU B 47 -17.76 4.41 -4.71
C GLU B 47 -17.91 3.42 -3.55
N VAL B 48 -17.27 3.70 -2.42
CA VAL B 48 -17.36 2.76 -1.30
C VAL B 48 -18.77 2.70 -0.70
N LEU B 49 -19.52 3.80 -0.74
CA LEU B 49 -20.92 3.79 -0.29
C LEU B 49 -21.76 2.90 -1.17
N LEU B 50 -21.56 3.03 -2.47
CA LEU B 50 -22.27 2.25 -3.47
C LEU B 50 -21.95 0.76 -3.38
N GLU B 51 -20.69 0.42 -3.09
CA GLU B 51 -20.30 -0.99 -2.86
C GLU B 51 -21.02 -1.58 -1.63
N PHE B 52 -21.21 -0.77 -0.59
CA PHE B 52 -21.95 -1.21 0.59
C PHE B 52 -23.43 -1.39 0.24
N ARG B 53 -24.02 -0.40 -0.43
CA ARG B 53 -25.40 -0.51 -0.85
C ARG B 53 -25.63 -1.71 -1.74
N LYS B 54 -24.68 -2.02 -2.63
CA LYS B 54 -24.79 -3.20 -3.49
C LYS B 54 -24.86 -4.45 -2.61
N LYS B 55 -23.92 -4.58 -1.67
CA LYS B 55 -23.88 -5.74 -0.78
C LYS B 55 -25.21 -5.92 -0.05
N ILE B 56 -25.74 -4.83 0.51
CA ILE B 56 -27.03 -4.90 1.18
C ILE B 56 -28.13 -5.39 0.24
N ALA B 57 -28.24 -4.76 -0.93
CA ALA B 57 -29.25 -5.16 -1.93
C ALA B 57 -29.10 -6.62 -2.37
N GLU B 58 -27.88 -7.09 -2.48
CA GLU B 58 -27.64 -8.48 -2.91
C GLU B 58 -28.01 -9.49 -1.83
N ASN B 59 -27.82 -9.10 -0.57
CA ASN B 59 -28.06 -10.01 0.58
C ASN B 59 -29.52 -10.22 0.92
N LYS B 60 -30.42 -9.52 0.22
CA LYS B 60 -31.84 -9.81 0.31
C LYS B 60 -32.15 -10.98 -0.62
N ASP C 3 13.52 -3.92 27.89
CA ASP C 3 12.28 -3.97 28.75
C ASP C 3 11.08 -4.27 27.83
N VAL C 4 9.99 -4.77 28.43
CA VAL C 4 8.78 -5.23 27.73
C VAL C 4 7.59 -4.22 27.84
N PHE C 5 6.83 -4.05 26.75
CA PHE C 5 5.78 -3.01 26.65
C PHE C 5 4.58 -3.51 25.89
N GLU C 6 3.42 -2.91 26.16
CA GLU C 6 2.21 -3.23 25.45
C GLU C 6 2.26 -2.73 23.99
N VAL C 7 1.84 -3.62 23.10
CA VAL C 7 1.77 -3.37 21.66
C VAL C 7 0.35 -3.01 21.33
N GLU C 8 0.18 -1.97 20.52
CA GLU C 8 -1.16 -1.65 20.03
C GLU C 8 -1.58 -2.46 18.82
N LYS C 9 -0.71 -2.50 17.83
CA LYS C 9 -1.02 -3.19 16.56
C LYS C 9 0.26 -3.39 15.75
N ILE C 10 0.19 -4.30 14.79
CA ILE C 10 1.28 -4.59 13.84
C ILE C 10 0.99 -3.86 12.54
N LEU C 11 1.97 -3.13 12.03
CA LEU C 11 1.78 -2.23 10.92
C LEU C 11 2.19 -2.82 9.57
N ASP C 12 3.18 -3.70 9.56
CA ASP C 12 3.82 -4.14 8.33
C ASP C 12 4.78 -5.28 8.67
N MET C 13 5.25 -5.96 7.65
CA MET C 13 6.24 -7.02 7.83
C MET C 13 7.26 -6.97 6.72
N LYS C 14 8.40 -7.58 6.99
CA LYS C 14 9.44 -7.72 5.98
C LYS C 14 10.33 -8.90 6.33
N THR C 15 11.06 -9.41 5.35
CA THR C 15 12.15 -10.30 5.63
C THR C 15 13.49 -9.54 5.43
N GLU C 16 14.48 -9.95 6.21
CA GLU C 16 15.87 -9.57 6.06
C GLU C 16 16.75 -10.67 6.62
N GLY C 17 17.80 -11.02 5.89
CA GLY C 17 18.70 -12.08 6.30
C GLY C 17 18.00 -13.41 6.56
N GLY C 18 16.99 -13.73 5.77
CA GLY C 18 16.23 -14.98 5.96
C GLY C 18 15.34 -15.03 7.22
N LYS C 19 15.06 -13.89 7.83
CA LYS C 19 14.27 -13.86 9.06
C LYS C 19 13.13 -12.88 8.85
N VAL C 20 12.00 -13.11 9.53
CA VAL C 20 10.82 -12.27 9.46
C VAL C 20 10.83 -11.21 10.55
N LEU C 21 10.51 -9.98 10.19
CA LEU C 21 10.34 -8.90 11.17
C LEU C 21 9.01 -8.21 10.96
N TYR C 22 8.51 -7.64 12.05
CA TYR C 22 7.21 -6.99 12.05
C TYR C 22 7.38 -5.59 12.60
N LYS C 23 6.66 -4.65 12.00
CA LYS C 23 6.73 -3.27 12.41
C LYS C 23 5.68 -3.06 13.49
N VAL C 24 6.11 -2.58 14.67
CA VAL C 24 5.25 -2.48 15.82
C VAL C 24 4.86 -1.03 16.16
N ARG C 25 3.57 -0.86 16.41
CA ARG C 25 3.02 0.34 17.02
C ARG C 25 2.88 0.07 18.51
N TRP C 26 3.62 0.83 19.31
CA TRP C 26 3.56 0.67 20.75
C TRP C 26 2.35 1.44 21.33
N LYS C 27 1.63 0.76 22.22
CA LYS C 27 0.43 1.27 22.89
C LYS C 27 0.77 2.51 23.72
N GLY C 28 0.10 3.62 23.38
CA GLY C 28 0.32 4.92 23.98
C GLY C 28 1.41 5.74 23.32
N TYR C 29 1.96 5.26 22.18
CA TYR C 29 3.02 5.94 21.41
C TYR C 29 2.50 6.19 19.99
N THR C 30 3.32 6.90 19.21
CA THR C 30 2.96 7.31 17.87
C THR C 30 3.94 6.68 16.89
N SER C 31 3.75 6.92 15.61
CA SER C 31 4.60 6.35 14.57
C SER C 31 6.08 6.70 14.76
N ASP C 32 6.36 7.86 15.37
CA ASP C 32 7.72 8.25 15.71
C ASP C 32 8.46 7.19 16.50
N ASP C 33 7.73 6.34 17.22
CA ASP C 33 8.36 5.33 18.09
C ASP C 33 8.28 3.90 17.53
N ASP C 34 7.81 3.74 16.30
CA ASP C 34 7.65 2.43 15.70
C ASP C 34 8.98 1.77 15.54
N THR C 35 9.03 0.46 15.79
CA THR C 35 10.22 -0.35 15.65
C THR C 35 9.93 -1.56 14.80
N TRP C 36 10.97 -2.10 14.17
CA TRP C 36 10.89 -3.42 13.58
C TRP C 36 11.35 -4.37 14.64
N GLU C 37 10.65 -5.47 14.82
CA GLU C 37 11.00 -6.48 15.82
C GLU C 37 11.05 -7.86 15.20
N PRO C 38 12.03 -8.68 15.63
CA PRO C 38 12.09 -10.01 15.12
C PRO C 38 10.89 -10.83 15.63
N GLU C 39 10.36 -11.68 14.76
CA GLU C 39 9.20 -12.55 15.05
C GLU C 39 9.28 -13.18 16.44
N ILE C 40 10.48 -13.64 16.80
CA ILE C 40 10.78 -14.24 18.10
C ILE C 40 10.44 -13.41 19.34
N HIS C 41 10.50 -12.08 19.23
CA HIS C 41 10.05 -11.17 20.30
C HIS C 41 8.54 -11.09 20.46
N LEU C 42 7.78 -11.67 19.55
CA LEU C 42 6.35 -11.41 19.48
C LEU C 42 5.49 -12.64 19.86
N GLU C 43 6.08 -13.59 20.59
CA GLU C 43 5.35 -14.78 21.01
C GLU C 43 4.07 -14.35 21.75
N ASP C 44 4.12 -13.21 22.46
CA ASP C 44 2.94 -12.72 23.22
C ASP C 44 2.09 -11.69 22.47
N CYS C 45 2.19 -11.71 21.14
CA CYS C 45 1.47 -10.78 20.28
C CYS C 45 0.66 -11.55 19.22
N LYS C 46 0.15 -12.73 19.59
CA LYS C 46 -0.52 -13.60 18.63
C LYS C 46 -1.81 -12.96 18.10
N GLU C 47 -2.56 -12.27 18.96
CA GLU C 47 -3.79 -11.61 18.52
C GLU C 47 -3.54 -10.48 17.51
N VAL C 48 -2.59 -9.59 17.82
CA VAL C 48 -2.25 -8.47 16.91
C VAL C 48 -1.59 -8.94 15.58
N LEU C 49 -0.77 -9.97 15.65
CA LEU C 49 -0.18 -10.56 14.44
C LEU C 49 -1.24 -11.18 13.51
N LEU C 50 -2.14 -11.96 14.09
CA LEU C 50 -3.26 -12.52 13.35
C LEU C 50 -4.19 -11.46 12.70
N GLU C 51 -4.50 -10.38 13.43
CA GLU C 51 -5.28 -9.24 12.87
C GLU C 51 -4.55 -8.64 11.65
N PHE C 52 -3.23 -8.48 11.74
CA PHE C 52 -2.43 -7.98 10.63
C PHE C 52 -2.45 -8.95 9.44
N ARG C 53 -2.11 -10.21 9.72
CA ARG C 53 -2.12 -11.27 8.69
C ARG C 53 -3.49 -11.34 8.02
N LYS C 54 -4.56 -11.23 8.80
CA LYS C 54 -5.89 -11.18 8.22
C LYS C 54 -6.04 -10.00 7.22
N LYS C 55 -5.60 -8.80 7.63
CA LYS C 55 -5.72 -7.61 6.75
C LYS C 55 -5.02 -7.86 5.42
N ILE C 56 -3.81 -8.40 5.47
CA ILE C 56 -3.08 -8.75 4.25
C ILE C 56 -3.83 -9.79 3.41
N ALA C 57 -4.38 -10.81 4.06
CA ALA C 57 -5.18 -11.81 3.32
C ALA C 57 -6.38 -11.17 2.63
N GLU C 58 -7.05 -10.25 3.31
CA GLU C 58 -8.21 -9.54 2.75
C GLU C 58 -7.84 -8.80 1.46
N ASN C 59 -6.77 -8.02 1.50
CA ASN C 59 -6.33 -7.24 0.34
C ASN C 59 -5.84 -8.10 -0.82
N LYS C 60 -5.28 -9.27 -0.53
CA LYS C 60 -4.81 -10.20 -1.57
C LYS C 60 -5.98 -10.61 -2.46
N GLU D 2 -6.32 -4.72 -11.74
CA GLU D 2 -7.26 -3.60 -11.93
C GLU D 2 -6.86 -2.40 -11.06
N ASP D 3 -5.55 -2.24 -10.83
CA ASP D 3 -5.00 -1.15 -10.01
C ASP D 3 -4.56 0.05 -10.87
N VAL D 4 -5.59 0.62 -11.50
CA VAL D 4 -5.51 1.82 -12.32
C VAL D 4 -6.20 2.94 -11.54
N PHE D 5 -5.62 4.13 -11.60
CA PHE D 5 -6.07 5.29 -10.85
C PHE D 5 -6.17 6.50 -11.76
N GLU D 6 -6.99 7.45 -11.34
CA GLU D 6 -7.10 8.69 -12.05
C GLU D 6 -5.91 9.60 -11.75
N VAL D 7 -5.46 10.30 -12.79
CA VAL D 7 -4.29 11.17 -12.77
C VAL D 7 -4.77 12.63 -12.77
N GLU D 8 -4.29 13.43 -11.82
CA GLU D 8 -4.63 14.85 -11.80
C GLU D 8 -3.78 15.60 -12.81
N LYS D 9 -2.48 15.34 -12.82
CA LYS D 9 -1.57 15.96 -13.78
C LYS D 9 -0.21 15.27 -13.87
N ILE D 10 0.55 15.62 -14.92
CA ILE D 10 1.92 15.15 -15.15
C ILE D 10 2.81 16.30 -14.70
N LEU D 11 3.78 16.02 -13.83
CA LEU D 11 4.57 17.07 -13.18
C LEU D 11 5.91 17.35 -13.80
N ASP D 12 6.54 16.32 -14.35
CA ASP D 12 7.89 16.45 -14.86
C ASP D 12 8.15 15.19 -15.66
N MET D 13 9.25 15.20 -16.42
CA MET D 13 9.63 14.06 -17.26
C MET D 13 11.11 13.86 -17.11
N LYS D 14 11.56 12.66 -17.46
CA LYS D 14 12.97 12.41 -17.56
C LYS D 14 13.26 11.14 -18.33
N THR D 15 14.54 10.95 -18.66
CA THR D 15 14.97 9.71 -19.24
C THR D 15 15.83 8.93 -18.25
N GLU D 16 15.75 7.61 -18.32
CA GLU D 16 16.57 6.70 -17.55
C GLU D 16 16.76 5.42 -18.34
N GLY D 17 18.01 5.07 -18.58
CA GLY D 17 18.35 3.87 -19.32
C GLY D 17 17.69 3.85 -20.69
N GLY D 18 17.77 4.96 -21.41
CA GLY D 18 17.20 5.08 -22.74
C GLY D 18 15.67 5.12 -22.83
N LYS D 19 15.01 5.26 -21.68
CA LYS D 19 13.53 5.25 -21.60
C LYS D 19 12.99 6.52 -20.97
N VAL D 20 11.74 6.85 -21.31
CA VAL D 20 11.08 8.05 -20.82
C VAL D 20 10.14 7.73 -19.68
N LEU D 21 10.25 8.50 -18.61
CA LEU D 21 9.31 8.44 -17.50
C LEU D 21 8.70 9.79 -17.23
N TYR D 22 7.49 9.79 -16.67
CA TYR D 22 6.75 10.99 -16.35
C TYR D 22 6.36 10.89 -14.88
N LYS D 23 6.52 12.00 -14.16
CA LYS D 23 6.16 12.09 -12.77
C LYS D 23 4.70 12.46 -12.68
N VAL D 24 3.96 11.64 -11.93
CA VAL D 24 2.51 11.70 -11.91
C VAL D 24 1.97 12.19 -10.56
N ARG D 25 1.06 13.16 -10.63
CA ARG D 25 0.27 13.55 -9.45
C ARG D 25 -1.07 12.83 -9.56
N TRP D 26 -1.38 12.03 -8.56
CA TRP D 26 -2.57 11.18 -8.59
C TRP D 26 -3.73 11.97 -8.02
N LYS D 27 -4.91 11.84 -8.63
CA LYS D 27 -6.10 12.62 -8.25
C LYS D 27 -6.58 12.24 -6.85
N GLY D 28 -6.73 13.25 -5.99
CA GLY D 28 -7.11 13.06 -4.59
C GLY D 28 -5.92 12.89 -3.66
N TYR D 29 -4.73 12.67 -4.22
CA TYR D 29 -3.51 12.52 -3.39
C TYR D 29 -2.68 13.79 -3.38
N THR D 30 -1.69 13.80 -2.51
CA THR D 30 -0.75 14.91 -2.39
C THR D 30 0.57 14.50 -3.05
N SER D 31 1.51 15.43 -3.05
CA SER D 31 2.84 15.20 -3.60
C SER D 31 3.54 14.00 -2.99
N ASP D 32 3.19 13.66 -1.74
CA ASP D 32 3.77 12.52 -1.01
C ASP D 32 3.64 11.16 -1.73
N ASP D 33 2.64 11.06 -2.61
CA ASP D 33 2.33 9.84 -3.36
C ASP D 33 2.74 9.89 -4.84
N ASP D 34 3.46 10.94 -5.25
CA ASP D 34 3.83 11.08 -6.66
C ASP D 34 4.75 9.95 -7.01
N THR D 35 4.56 9.43 -8.22
CA THR D 35 5.37 8.36 -8.73
C THR D 35 5.92 8.77 -10.10
N TRP D 36 7.04 8.17 -10.44
CA TRP D 36 7.58 8.14 -11.76
C TRP D 36 6.93 6.96 -12.47
N GLU D 37 6.40 7.19 -13.65
CA GLU D 37 5.80 6.10 -14.42
C GLU D 37 6.40 5.99 -15.84
N PRO D 38 6.63 4.74 -16.28
CA PRO D 38 7.03 4.56 -17.65
C PRO D 38 5.97 5.08 -18.63
N GLU D 39 6.47 5.65 -19.72
CA GLU D 39 5.66 6.15 -20.83
C GLU D 39 4.48 5.20 -21.22
N ILE D 40 4.74 3.90 -21.16
CA ILE D 40 3.79 2.86 -21.55
C ILE D 40 2.57 2.81 -20.62
N HIS D 41 2.74 3.15 -19.34
CA HIS D 41 1.62 3.18 -18.40
C HIS D 41 0.67 4.36 -18.65
N LEU D 42 0.98 5.22 -19.62
CA LEU D 42 0.22 6.47 -19.76
C LEU D 42 -0.55 6.61 -21.07
N GLU D 43 -0.89 5.49 -21.72
CA GLU D 43 -1.64 5.54 -22.99
C GLU D 43 -2.97 6.31 -22.83
N ASP D 44 -3.59 6.19 -21.65
CA ASP D 44 -4.86 6.84 -21.33
C ASP D 44 -4.72 8.21 -20.65
N CYS D 45 -3.56 8.82 -20.80
CA CYS D 45 -3.26 10.13 -20.23
C CYS D 45 -2.85 11.11 -21.31
N LYS D 46 -3.47 10.94 -22.48
CA LYS D 46 -3.20 11.77 -23.65
C LYS D 46 -3.33 13.25 -23.30
N GLU D 47 -4.43 13.63 -22.66
CA GLU D 47 -4.73 15.04 -22.43
C GLU D 47 -3.84 15.64 -21.33
N VAL D 48 -3.61 14.93 -20.23
CA VAL D 48 -2.73 15.51 -19.21
C VAL D 48 -1.27 15.55 -19.71
N LEU D 49 -0.86 14.54 -20.50
CA LEU D 49 0.46 14.55 -21.17
C LEU D 49 0.62 15.71 -22.13
N LEU D 50 -0.44 15.99 -22.89
CA LEU D 50 -0.42 17.13 -23.79
C LEU D 50 -0.33 18.46 -23.05
N GLU D 51 -1.16 18.64 -22.01
CA GLU D 51 -1.12 19.86 -21.19
C GLU D 51 0.30 20.10 -20.63
N PHE D 52 0.98 19.03 -20.21
CA PHE D 52 2.40 19.13 -19.78
C PHE D 52 3.34 19.58 -20.92
N ARG D 53 3.22 18.93 -22.07
CA ARG D 53 4.07 19.23 -23.21
C ARG D 53 3.87 20.66 -23.67
N LYS D 54 2.63 21.13 -23.63
CA LYS D 54 2.32 22.52 -23.95
C LYS D 54 2.99 23.50 -22.97
N LYS D 55 2.87 23.21 -21.67
CA LYS D 55 3.52 24.02 -20.63
C LYS D 55 5.01 24.18 -20.91
N ILE D 56 5.70 23.05 -21.14
CA ILE D 56 7.13 23.06 -21.46
C ILE D 56 7.41 23.89 -22.69
N ALA D 57 6.65 23.63 -23.76
CA ALA D 57 6.79 24.42 -24.97
C ALA D 57 6.67 25.91 -24.67
N GLU D 58 5.71 26.31 -23.84
CA GLU D 58 5.49 27.73 -23.61
C GLU D 58 6.58 28.39 -22.77
N ASN D 59 7.19 27.61 -21.87
CA ASN D 59 8.30 28.08 -21.04
C ASN D 59 9.59 28.41 -21.78
N LYS D 60 9.68 28.02 -23.05
CA LYS D 60 10.82 28.41 -23.89
C LYS D 60 10.51 29.75 -24.54
N LYS E 4 11.82 -21.52 -17.07
CA LYS E 4 12.52 -20.26 -16.71
C LYS E 4 11.53 -19.30 -16.06
N GLN E 5 12.01 -18.55 -15.07
CA GLN E 5 11.13 -17.67 -14.29
C GLN E 5 11.23 -16.24 -14.85
N THR E 6 10.08 -15.64 -15.12
CA THR E 6 10.03 -14.31 -15.76
C THR E 6 9.07 -13.34 -15.04
N ALA E 7 9.27 -12.04 -15.27
CA ALA E 7 8.37 -11.00 -14.72
C ALA E 7 8.67 -9.62 -15.32
N ARG E 8 7.67 -8.75 -15.25
CA ARG E 8 7.81 -7.32 -15.60
C ARG E 8 8.72 -6.67 -14.55
N M3L E 9 9.72 -5.91 -15.00
CA M3L E 9 10.54 -5.09 -14.11
CB M3L E 9 11.96 -5.06 -14.66
CG M3L E 9 12.90 -4.24 -13.77
CD M3L E 9 14.37 -4.62 -13.96
CE M3L E 9 14.97 -4.13 -15.27
NZ M3L E 9 16.30 -4.71 -15.58
C M3L E 9 9.98 -3.70 -13.96
O M3L E 9 9.75 -3.02 -14.95
CM1 M3L E 9 17.30 -4.46 -14.52
CM2 M3L E 9 16.80 -4.07 -16.80
CM3 M3L E 9 16.22 -6.16 -15.80
N SER E 10 9.74 -3.26 -12.72
CA SER E 10 9.29 -1.89 -12.42
C SER E 10 10.45 -0.91 -12.61
N THR E 11 10.32 0.03 -13.52
CA THR E 11 11.37 1.04 -13.72
C THR E 11 11.00 2.39 -13.07
N GLY E 12 9.75 2.54 -12.65
CA GLY E 12 9.31 3.76 -12.01
C GLY E 12 9.26 3.58 -10.51
N GLY E 13 8.29 4.26 -9.90
CA GLY E 13 8.09 4.15 -8.47
C GLY E 13 8.06 5.51 -7.82
N LYS E 14 7.99 5.51 -6.51
CA LYS E 14 7.71 6.70 -5.74
C LYS E 14 8.83 7.71 -6.01
N ALA E 15 8.44 8.98 -6.09
CA ALA E 15 9.29 10.07 -6.57
C ALA E 15 9.87 10.92 -5.44
N ARG F 2 -9.94 3.75 -9.28
CA ARG F 2 -10.73 4.62 -8.34
C ARG F 2 -10.14 6.03 -8.26
N THR F 3 -10.97 6.94 -7.73
CA THR F 3 -10.51 8.22 -7.19
C THR F 3 -10.47 8.02 -5.69
N LYS F 4 -9.64 8.79 -5.02
CA LYS F 4 -9.40 8.59 -3.59
C LYS F 4 -10.72 8.78 -2.85
N GLN F 5 -11.12 7.78 -2.09
CA GLN F 5 -12.31 7.83 -1.24
C GLN F 5 -11.92 8.42 0.11
N THR F 6 -12.39 9.63 0.40
CA THR F 6 -12.03 10.32 1.63
C THR F 6 -13.24 10.91 2.36
N ALA F 7 -13.06 11.19 3.64
CA ALA F 7 -14.11 11.76 4.48
C ALA F 7 -13.48 12.40 5.71
N ARG F 8 -14.21 13.37 6.29
CA ARG F 8 -13.86 13.88 7.61
C ARG F 8 -14.17 12.82 8.67
N M3L F 9 -13.28 12.66 9.65
CA M3L F 9 -13.46 11.71 10.73
CB M3L F 9 -12.19 10.94 10.97
CG M3L F 9 -12.35 9.92 12.09
CD M3L F 9 -11.25 8.83 12.09
CE M3L F 9 -9.88 9.35 12.53
NZ M3L F 9 -8.75 8.45 12.23
C M3L F 9 -13.95 12.39 11.98
O M3L F 9 -13.36 13.36 12.42
CM1 M3L F 9 -8.91 7.15 12.88
CM2 M3L F 9 -7.54 9.10 12.73
CM3 M3L F 9 -8.56 8.17 10.79
N SER F 10 -15.02 11.88 12.57
CA SER F 10 -15.59 12.49 13.76
C SER F 10 -14.81 11.98 14.97
N THR F 11 -14.18 12.88 15.70
CA THR F 11 -13.37 12.52 16.87
C THR F 11 -14.10 12.93 18.15
N GLY F 12 -15.24 13.62 18.02
CA GLY F 12 -16.06 14.01 19.17
C GLY F 12 -17.33 13.17 19.24
N GLY F 13 -18.40 13.80 19.71
CA GLY F 13 -19.68 13.17 19.79
C GLY F 13 -20.33 13.35 21.14
N LYS F 14 -21.46 12.70 21.34
CA LYS F 14 -22.27 12.90 22.53
C LYS F 14 -21.46 12.57 23.81
N ALA F 15 -21.59 13.41 24.83
CA ALA F 15 -20.90 13.24 26.13
C ALA F 15 -21.79 12.53 27.14
N LYS G 4 -3.15 -9.85 27.18
CA LYS G 4 -2.32 -8.60 27.04
C LYS G 4 -1.19 -8.84 26.00
N GLN G 5 -1.22 -8.02 24.96
CA GLN G 5 -0.25 -8.11 23.86
C GLN G 5 1.00 -7.33 24.25
N THR G 6 2.02 -8.07 24.71
CA THR G 6 3.28 -7.44 25.07
C THR G 6 4.47 -7.96 24.22
N ALA G 7 5.51 -7.14 24.17
CA ALA G 7 6.74 -7.48 23.50
C ALA G 7 7.92 -6.59 23.95
N ARG G 8 9.13 -7.14 23.78
CA ARG G 8 10.38 -6.41 23.97
C ARG G 8 10.55 -5.37 22.85
N M3L G 9 10.98 -4.17 23.20
CA M3L G 9 11.28 -3.12 22.23
CB M3L G 9 10.64 -1.85 22.75
CG M3L G 9 10.94 -0.58 21.95
CD M3L G 9 9.85 0.47 22.13
CE M3L G 9 10.00 1.32 23.37
NZ M3L G 9 8.88 2.25 23.62
C M3L G 9 12.76 -2.98 22.00
O M3L G 9 13.52 -2.77 22.93
CM1 M3L G 9 8.64 3.14 22.47
CM2 M3L G 9 9.26 3.05 24.79
CM3 M3L G 9 7.65 1.55 23.94
N SER G 10 13.16 -3.11 20.74
CA SER G 10 14.56 -2.99 20.31
C SER G 10 14.98 -1.52 20.34
N THR G 11 16.12 -1.25 20.96
CA THR G 11 16.67 0.09 20.96
C THR G 11 18.01 0.17 20.22
N GLY G 12 18.52 -0.98 19.79
CA GLY G 12 19.75 -1.02 19.01
C GLY G 12 19.46 -1.20 17.54
N GLY G 13 20.35 -1.86 16.83
CA GLY G 13 20.16 -2.03 15.39
C GLY G 13 21.41 -1.89 14.56
N LYS G 14 21.23 -2.08 13.26
CA LYS G 14 22.34 -2.08 12.34
C LYS G 14 23.03 -0.72 12.42
N ALA G 15 24.37 -0.72 12.39
CA ALA G 15 25.19 0.49 12.58
C ALA G 15 25.21 1.42 11.35
N LYS H 4 -11.95 10.45 -18.40
CA LYS H 4 -11.11 10.46 -17.19
C LYS H 4 -9.71 10.00 -17.58
N GLN H 5 -8.71 10.74 -17.15
CA GLN H 5 -7.30 10.44 -17.42
C GLN H 5 -6.80 9.43 -16.40
N THR H 6 -6.59 8.19 -16.85
CA THR H 6 -6.21 7.11 -15.95
C THR H 6 -4.87 6.50 -16.32
N ALA H 7 -4.20 5.95 -15.30
CA ALA H 7 -2.96 5.22 -15.46
C ALA H 7 -2.75 4.24 -14.31
N ARG H 8 -1.96 3.21 -14.58
CA ARG H 8 -1.53 2.27 -13.59
C ARG H 8 -0.43 2.91 -12.70
N M3L H 9 -0.47 2.63 -11.40
CA M3L H 9 0.47 3.24 -10.44
CB M3L H 9 -0.31 3.79 -9.26
CG M3L H 9 0.58 4.24 -8.07
CD M3L H 9 -0.06 5.30 -7.16
CE M3L H 9 -0.97 4.71 -6.09
NZ M3L H 9 -1.85 5.68 -5.43
C M3L H 9 1.48 2.19 -10.04
O M3L H 9 1.11 1.10 -9.65
CM1 M3L H 9 -1.09 6.71 -4.71
CM2 M3L H 9 -2.66 4.97 -4.44
CM3 M3L H 9 -2.75 6.33 -6.40
N SER H 10 2.77 2.55 -10.15
CA SER H 10 3.89 1.72 -9.71
C SER H 10 4.04 1.81 -8.18
N THR H 11 3.99 0.64 -7.53
CA THR H 11 4.14 0.54 -6.07
C THR H 11 5.48 -0.07 -5.65
N GLY H 12 6.20 -0.63 -6.62
CA GLY H 12 7.53 -1.15 -6.38
C GLY H 12 8.61 -0.24 -6.93
N GLY H 13 9.68 -0.83 -7.43
CA GLY H 13 10.76 -0.03 -8.00
C GLY H 13 12.10 -0.36 -7.39
N LYS H 14 13.09 0.46 -7.73
CA LYS H 14 14.49 0.10 -7.50
C LYS H 14 14.72 0.04 -5.98
N ALA H 15 15.41 -0.99 -5.51
CA ALA H 15 15.47 -1.32 -4.06
C ALA H 15 16.12 -0.25 -3.18
UNK UNX I . 6.03 -23.20 2.29
UNK UNX J . 5.21 8.64 20.23
UNK UNX K . 3.12 21.05 -28.28
#